data_4DK8
#
_entry.id   4DK8
#
_cell.length_a   88.145
_cell.length_b   88.145
_cell.length_c   198.450
_cell.angle_alpha   90.000
_cell.angle_beta   90.000
_cell.angle_gamma   90.000
#
_symmetry.space_group_name_H-M   'P 43 21 2'
#
loop_
_entity.id
_entity.type
_entity.pdbx_description
1 polymer 'Oxysterols receptor LXR-beta'
2 polymer 'Nuclear receptor coactivator 1'
3 non-polymer N-methyl-N-(4-{(1S)-2,2,2-trifluoro-1-hydroxy-1-[1-(2-methoxyethyl)-1H-pyrrol-2-yl]ethyl}phenyl)benzenesulfonamide
4 non-polymer 'ACETATE ION'
5 non-polymer 'CALCIUM ION'
6 water water
#
loop_
_entity_poly.entity_id
_entity_poly.type
_entity_poly.pdbx_seq_one_letter_code
_entity_poly.pdbx_strand_id
1 'polypeptide(L)'
;GSHMQLTAAQELMIQQLVAAQLQCNKRSFSDQPKVTPWPLGADPQSRDARQQRFAHFTELAIISVQEIVDFAKQVPGFLQ
LGREDQIALLKASTIEIMLLETARRYNHETECITFLKDFTYSKDDFHRAGLQVEFINPIFEFSRAMRRLGLDDAEYALLI
AINIFSADRPNVQEPGRVEALQQPYVEALLSYTRIKRPQDQLRFPRMLMKLVSLRTLSSVHSEQVFALRLQDKKLPPLLS
EIWDVHE
;
A,C
2 'polypeptide(L)' DHQLLRYLLDKD B,D
#
loop_
_chem_comp.id
_chem_comp.type
_chem_comp.name
_chem_comp.formula
0KT non-polymer N-methyl-N-(4-{(1S)-2,2,2-trifluoro-1-hydroxy-1-[1-(2-methoxyethyl)-1H-pyrrol-2-yl]ethyl}phenyl)benzenesulfonamide 'C22 H23 F3 N2 O4 S'
ACT non-polymer 'ACETATE ION' 'C2 H3 O2 -1'
CA non-polymer 'CALCIUM ION' 'Ca 2'
#
# COMPACT_ATOMS: atom_id res chain seq x y z
N MET A 4 2.95 -24.29 20.53
CA MET A 4 1.46 -24.43 20.38
C MET A 4 0.64 -23.66 21.44
N GLN A 5 1.31 -22.74 22.13
CA GLN A 5 0.63 -21.79 23.01
C GLN A 5 1.40 -20.47 23.08
N LEU A 6 0.69 -19.37 23.31
CA LEU A 6 1.34 -18.05 23.42
C LEU A 6 2.18 -18.01 24.69
N THR A 7 3.04 -17.00 24.80
CA THR A 7 3.75 -16.77 26.06
C THR A 7 2.93 -15.83 26.96
N ALA A 8 3.19 -15.89 28.26
CA ALA A 8 2.46 -15.05 29.22
C ALA A 8 2.57 -13.56 28.83
N ALA A 9 3.76 -13.15 28.40
CA ALA A 9 3.96 -11.84 27.82
C ALA A 9 3.00 -11.58 26.64
N GLN A 10 3.05 -12.46 25.65
CA GLN A 10 2.18 -12.30 24.49
C GLN A 10 0.71 -12.34 24.88
N GLU A 11 0.33 -13.23 25.79
CA GLU A 11 -1.05 -13.23 26.26
C GLU A 11 -1.38 -11.86 26.85
N LEU A 12 -0.40 -11.26 27.51
CA LEU A 12 -0.63 -10.01 28.20
C LEU A 12 -0.71 -8.83 27.23
N MET A 13 0.24 -8.76 26.32
CA MET A 13 0.22 -7.77 25.26
C MET A 13 -1.14 -7.68 24.59
N ILE A 14 -1.69 -8.83 24.20
CA ILE A 14 -2.96 -8.86 23.49
C ILE A 14 -4.14 -8.42 24.34
N GLN A 15 -4.19 -8.82 25.59
CA GLN A 15 -5.34 -8.51 26.41
C GLN A 15 -5.42 -7.02 26.66
N GLN A 16 -4.29 -6.44 27.03
CA GLN A 16 -4.22 -5.01 27.26
C GLN A 16 -4.75 -4.28 26.03
N LEU A 17 -4.22 -4.62 24.84
CA LEU A 17 -4.67 -4.00 23.60
C LEU A 17 -6.18 -4.16 23.38
N VAL A 18 -6.70 -5.34 23.70
CA VAL A 18 -8.11 -5.54 23.51
C VAL A 18 -8.84 -4.69 24.53
N ALA A 19 -8.39 -4.71 25.77
CA ALA A 19 -9.00 -3.90 26.81
C ALA A 19 -9.05 -2.43 26.39
N ALA A 20 -7.99 -1.96 25.76
CA ALA A 20 -7.89 -0.55 25.41
C ALA A 20 -8.90 -0.18 24.34
N GLN A 21 -9.06 -1.07 23.36
CA GLN A 21 -9.94 -0.81 22.26
C GLN A 21 -11.35 -0.72 22.81
N LEU A 22 -11.67 -1.64 23.71
CA LEU A 22 -13.01 -1.66 24.28
C LEU A 22 -13.19 -0.39 25.09
N GLN A 23 -12.16 -0.05 25.86
CA GLN A 23 -12.14 1.19 26.64
C GLN A 23 -12.38 2.40 25.76
N CYS A 24 -11.68 2.49 24.64
CA CYS A 24 -11.78 3.67 23.79
C CYS A 24 -13.08 3.71 23.00
N ASN A 25 -13.55 2.53 22.57
CA ASN A 25 -14.75 2.44 21.77
C ASN A 25 -15.96 2.79 22.63
N LYS A 26 -15.92 2.43 23.91
CA LYS A 26 -16.93 2.88 24.86
C LYS A 26 -16.82 4.38 25.04
N ARG A 27 -15.67 4.81 25.57
CA ARG A 27 -15.46 6.20 25.95
C ARG A 27 -15.76 7.20 24.83
N SER A 28 -15.81 6.73 23.59
CA SER A 28 -16.16 7.61 22.48
C SER A 28 -17.67 7.62 22.30
N PHE A 29 -18.38 7.01 23.25
CA PHE A 29 -19.84 7.02 23.25
C PHE A 29 -20.42 7.91 24.35
N SER A 30 -19.66 8.92 24.76
CA SER A 30 -20.06 9.85 25.83
C SER A 30 -18.84 10.58 26.39
N LYS A 34 -23.21 13.04 19.95
CA LYS A 34 -24.36 13.83 19.50
C LYS A 34 -23.93 14.80 18.39
N VAL A 35 -24.44 14.56 17.18
CA VAL A 35 -23.97 15.29 16.01
C VAL A 35 -25.08 15.74 15.08
N THR A 36 -24.76 16.71 14.24
CA THR A 36 -25.70 17.25 13.25
C THR A 36 -26.47 16.13 12.58
N PRO A 37 -27.75 15.98 12.92
CA PRO A 37 -28.58 14.87 12.45
C PRO A 37 -28.73 14.81 10.92
N TRP A 38 -29.16 13.65 10.44
CA TRP A 38 -29.30 13.38 9.02
C TRP A 38 -30.66 13.88 8.52
N PRO A 39 -30.65 14.72 7.47
CA PRO A 39 -31.88 15.25 6.85
C PRO A 39 -32.85 14.17 6.39
N GLN A 45 -34.42 18.14 -2.36
CA GLN A 45 -33.36 18.45 -1.39
C GLN A 45 -32.85 19.87 -1.54
N SER A 46 -32.63 20.53 -0.40
CA SER A 46 -32.19 21.92 -0.36
C SER A 46 -30.66 22.04 -0.41
N ARG A 47 -30.15 23.24 -0.09
CA ARG A 47 -28.70 23.48 -0.10
C ARG A 47 -28.14 23.55 1.33
N ASP A 48 -29.05 23.70 2.30
CA ASP A 48 -28.67 23.52 3.70
C ASP A 48 -28.60 22.02 3.94
N ALA A 49 -29.69 21.34 3.58
CA ALA A 49 -29.80 19.90 3.78
C ALA A 49 -28.56 19.16 3.29
N ARG A 50 -28.04 19.58 2.14
CA ARG A 50 -26.92 18.87 1.54
C ARG A 50 -25.61 19.17 2.25
N GLN A 51 -25.35 20.44 2.54
CA GLN A 51 -24.13 20.82 3.26
C GLN A 51 -24.29 20.52 4.73
N GLN A 52 -25.42 19.92 5.07
CA GLN A 52 -25.70 19.46 6.43
C GLN A 52 -25.28 17.98 6.55
N ARG A 53 -25.60 17.21 5.51
CA ARG A 53 -25.14 15.82 5.42
C ARG A 53 -23.63 15.77 5.41
N PHE A 54 -23.01 16.67 4.66
CA PHE A 54 -21.57 16.87 4.74
C PHE A 54 -21.18 17.01 6.21
N ALA A 55 -22.04 17.69 6.97
CA ALA A 55 -21.78 17.94 8.36
C ALA A 55 -21.88 16.65 9.18
N HIS A 56 -23.00 15.94 8.98
CA HIS A 56 -23.24 14.69 9.69
C HIS A 56 -22.10 13.68 9.54
N PHE A 57 -21.50 13.64 8.35
CA PHE A 57 -20.33 12.78 8.12
C PHE A 57 -19.08 13.29 8.84
N THR A 58 -18.60 14.47 8.47
CA THR A 58 -17.34 14.98 8.98
C THR A 58 -17.30 14.95 10.49
N GLU A 59 -18.46 15.16 11.10
CA GLU A 59 -18.55 15.12 12.55
C GLU A 59 -18.28 13.71 13.07
N LEU A 60 -18.94 12.72 12.46
CA LEU A 60 -18.66 11.32 12.75
C LEU A 60 -17.18 10.99 12.51
N ALA A 61 -16.63 11.51 11.43
CA ALA A 61 -15.21 11.37 11.19
C ALA A 61 -14.36 11.89 12.35
N ILE A 62 -14.68 13.09 12.86
CA ILE A 62 -14.00 13.63 14.04
C ILE A 62 -14.00 12.60 15.18
N ILE A 63 -15.18 12.07 15.48
CA ILE A 63 -15.31 11.16 16.60
C ILE A 63 -14.35 9.98 16.43
N SER A 64 -14.31 9.46 15.19
CA SER A 64 -13.47 8.32 14.86
C SER A 64 -11.98 8.64 15.08
N VAL A 65 -11.55 9.77 14.53
CA VAL A 65 -10.19 10.25 14.74
C VAL A 65 -9.85 10.30 16.22
N GLN A 66 -10.82 10.72 17.03
CA GLN A 66 -10.60 10.81 18.47
C GLN A 66 -10.41 9.42 19.05
N GLU A 67 -11.41 8.56 18.83
CA GLU A 67 -11.28 7.20 19.31
C GLU A 67 -9.92 6.62 18.87
N ILE A 68 -9.42 7.05 17.71
CA ILE A 68 -8.18 6.48 17.21
C ILE A 68 -6.94 7.05 17.90
N VAL A 69 -6.91 8.36 18.13
CA VAL A 69 -5.80 8.96 18.87
C VAL A 69 -5.86 8.45 20.31
N ASP A 70 -7.07 8.42 20.84
CA ASP A 70 -7.29 7.93 22.19
C ASP A 70 -6.66 6.55 22.30
N PHE A 71 -6.97 5.68 21.35
CA PHE A 71 -6.45 4.31 21.33
C PHE A 71 -4.93 4.25 21.08
N ALA A 72 -4.39 5.16 20.30
CA ALA A 72 -2.96 5.10 20.00
C ALA A 72 -2.09 5.41 21.23
N LYS A 73 -2.64 6.16 22.18
CA LYS A 73 -1.87 6.53 23.36
C LYS A 73 -1.72 5.36 24.33
N GLN A 74 -2.71 4.47 24.29
CA GLN A 74 -2.74 3.32 25.18
C GLN A 74 -1.98 2.11 24.63
N VAL A 75 -1.47 2.23 23.41
CA VAL A 75 -0.65 1.19 22.82
C VAL A 75 0.76 1.26 23.36
N PRO A 76 1.15 0.32 24.22
CA PRO A 76 2.44 0.43 24.89
C PRO A 76 3.58 0.82 23.95
N GLY A 77 4.33 1.85 24.34
CA GLY A 77 5.54 2.21 23.62
C GLY A 77 5.37 3.38 22.68
N PHE A 78 4.12 3.72 22.35
CA PHE A 78 3.83 4.78 21.39
C PHE A 78 4.22 6.16 21.95
N LEU A 79 3.73 6.48 23.14
CA LEU A 79 3.99 7.77 23.77
C LEU A 79 5.45 7.89 24.22
N GLN A 80 6.28 6.93 23.85
CA GLN A 80 7.69 6.99 24.18
C GLN A 80 8.48 7.61 23.03
N LEU A 81 7.85 7.75 21.88
CA LEU A 81 8.51 8.33 20.71
C LEU A 81 8.52 9.84 20.88
N GLY A 82 9.31 10.52 20.04
CA GLY A 82 9.22 11.97 19.98
C GLY A 82 7.79 12.41 19.75
N ARG A 83 7.38 13.53 20.32
CA ARG A 83 6.05 14.02 20.06
C ARG A 83 5.87 14.28 18.57
N GLU A 84 6.99 14.43 17.87
CA GLU A 84 6.95 14.82 16.46
C GLU A 84 6.60 13.59 15.63
N ASP A 85 7.28 12.49 15.90
CA ASP A 85 6.97 11.21 15.30
C ASP A 85 5.53 10.75 15.60
N GLN A 86 5.06 11.03 16.82
CA GLN A 86 3.69 10.68 17.18
C GLN A 86 2.71 11.33 16.22
N ILE A 87 3.01 12.56 15.79
CA ILE A 87 2.11 13.24 14.89
C ILE A 87 2.20 12.56 13.51
N ALA A 88 3.42 12.28 13.07
CA ALA A 88 3.66 11.69 11.75
C ALA A 88 2.88 10.41 11.61
N LEU A 89 3.06 9.52 12.58
CA LEU A 89 2.34 8.27 12.63
C LEU A 89 0.81 8.40 12.60
N LEU A 90 0.20 9.15 13.50
CA LEU A 90 -1.27 9.24 13.47
C LEU A 90 -1.77 9.82 12.14
N LYS A 91 -1.02 10.76 11.59
CA LYS A 91 -1.42 11.41 10.36
C LYS A 91 -1.50 10.40 9.24
N ALA A 92 -0.47 9.54 9.15
CA ALA A 92 -0.44 8.51 8.13
C ALA A 92 -1.49 7.41 8.39
N SER A 93 -1.78 7.18 9.67
CA SER A 93 -2.45 5.98 10.10
C SER A 93 -3.96 6.14 10.14
N THR A 94 -4.41 7.36 10.44
CA THR A 94 -5.78 7.54 10.90
C THR A 94 -6.84 7.05 9.91
N ILE A 95 -6.66 7.38 8.63
CA ILE A 95 -7.66 7.02 7.65
C ILE A 95 -7.71 5.48 7.54
N GLU A 96 -6.53 4.88 7.58
CA GLU A 96 -6.41 3.44 7.40
C GLU A 96 -7.08 2.68 8.56
N ILE A 97 -6.85 3.17 9.78
CA ILE A 97 -7.49 2.58 10.93
C ILE A 97 -8.98 2.86 10.83
N MET A 98 -9.33 3.94 10.15
CA MET A 98 -10.74 4.27 10.02
C MET A 98 -11.43 3.29 9.09
N LEU A 99 -10.76 3.00 7.98
CA LEU A 99 -11.29 2.03 7.01
C LEU A 99 -11.36 0.64 7.61
N LEU A 100 -10.38 0.28 8.44
CA LEU A 100 -10.42 -1.00 9.12
C LEU A 100 -11.62 -1.05 10.06
N GLU A 101 -11.81 0.00 10.83
CA GLU A 101 -12.94 0.01 11.73
C GLU A 101 -14.22 0.03 10.93
N THR A 102 -14.23 0.78 9.84
CA THR A 102 -15.39 0.80 8.96
C THR A 102 -15.76 -0.61 8.49
N ALA A 103 -14.75 -1.42 8.20
CA ALA A 103 -14.95 -2.80 7.78
C ALA A 103 -15.70 -3.63 8.83
N ARG A 104 -15.40 -3.38 10.11
CA ARG A 104 -16.12 -4.08 11.16
C ARG A 104 -17.58 -3.69 11.21
N ARG A 105 -17.92 -2.55 10.61
CA ARG A 105 -19.29 -2.11 10.69
C ARG A 105 -20.09 -2.52 9.43
N TYR A 106 -19.48 -3.33 8.58
CA TYR A 106 -20.02 -3.60 7.25
C TYR A 106 -20.95 -4.81 7.18
N ASN A 107 -22.11 -4.60 6.61
CA ASN A 107 -23.10 -5.65 6.39
C ASN A 107 -22.96 -6.13 4.95
N HIS A 108 -22.53 -7.36 4.73
CA HIS A 108 -22.31 -7.79 3.36
C HIS A 108 -23.61 -8.10 2.64
N GLU A 109 -24.67 -8.37 3.42
CA GLU A 109 -25.95 -8.76 2.84
C GLU A 109 -26.61 -7.59 2.12
N THR A 110 -26.49 -6.39 2.70
CA THR A 110 -27.14 -5.21 2.15
C THR A 110 -26.15 -4.12 1.78
N GLU A 111 -24.89 -4.27 2.17
CA GLU A 111 -23.86 -3.38 1.67
C GLU A 111 -23.99 -1.96 2.20
N CYS A 112 -24.22 -1.84 3.49
CA CYS A 112 -24.22 -0.54 4.15
C CYS A 112 -23.37 -0.66 5.39
N ILE A 113 -22.85 0.47 5.83
CA ILE A 113 -22.01 0.53 7.02
C ILE A 113 -22.81 1.12 8.18
N THR A 114 -22.68 0.52 9.35
CA THR A 114 -23.35 1.06 10.54
C THR A 114 -22.42 1.96 11.35
N PHE A 115 -22.95 3.04 11.90
CA PHE A 115 -22.12 3.97 12.64
C PHE A 115 -22.67 4.35 14.00
N LEU A 116 -23.96 4.64 14.05
CA LEU A 116 -24.56 5.00 15.33
C LEU A 116 -24.81 3.70 16.12
N LYS A 117 -26.01 3.16 15.99
CA LYS A 117 -26.30 1.86 16.58
C LYS A 117 -27.28 1.11 15.69
N ASP A 118 -28.29 1.83 15.23
CA ASP A 118 -29.28 1.29 14.30
C ASP A 118 -29.29 2.13 13.03
N PHE A 119 -28.29 2.99 12.87
CA PHE A 119 -28.20 3.82 11.69
C PHE A 119 -27.19 3.30 10.65
N THR A 120 -27.74 2.91 9.49
CA THR A 120 -26.98 2.27 8.43
C THR A 120 -26.89 3.15 7.19
N TYR A 121 -25.68 3.29 6.65
CA TYR A 121 -25.44 4.12 5.48
C TYR A 121 -25.13 3.29 4.24
N SER A 122 -25.91 3.51 3.19
CA SER A 122 -25.65 2.91 1.89
C SER A 122 -24.63 3.78 1.14
N LYS A 123 -24.11 3.27 0.03
CA LYS A 123 -23.16 4.04 -0.75
C LYS A 123 -23.92 5.12 -1.49
N ASP A 124 -25.19 4.82 -1.71
CA ASP A 124 -26.21 5.82 -1.94
C ASP A 124 -26.04 7.05 -1.05
N ASP A 125 -26.05 6.83 0.26
CA ASP A 125 -25.93 7.92 1.23
C ASP A 125 -24.56 8.59 1.16
N PHE A 126 -23.50 7.79 1.17
CA PHE A 126 -22.15 8.35 1.02
C PHE A 126 -22.15 9.40 -0.10
N HIS A 127 -22.96 9.19 -1.12
CA HIS A 127 -22.94 10.08 -2.28
C HIS A 127 -23.66 11.39 -2.03
N ARG A 128 -24.87 11.31 -1.49
CA ARG A 128 -25.61 12.50 -1.11
C ARG A 128 -24.86 13.33 -0.07
N ALA A 129 -23.76 12.77 0.44
CA ALA A 129 -23.00 13.46 1.48
C ALA A 129 -21.77 14.15 0.92
N GLY A 130 -21.68 14.23 -0.42
CA GLY A 130 -20.60 14.97 -1.05
C GLY A 130 -19.41 14.15 -1.50
N LEU A 131 -19.52 12.83 -1.41
CA LEU A 131 -18.40 11.96 -1.76
C LEU A 131 -18.55 11.40 -3.17
N GLN A 132 -17.44 11.36 -3.89
CA GLN A 132 -17.43 10.83 -5.26
C GLN A 132 -17.37 9.30 -5.26
N VAL A 133 -17.86 8.68 -6.34
CA VAL A 133 -17.83 7.23 -6.44
C VAL A 133 -16.41 6.65 -6.53
N GLU A 134 -15.51 7.41 -7.16
CA GLU A 134 -14.11 7.04 -7.21
C GLU A 134 -13.62 6.69 -5.79
N PHE A 135 -14.29 7.25 -4.79
CA PHE A 135 -13.93 7.03 -3.40
C PHE A 135 -14.80 5.91 -2.83
N ILE A 136 -16.10 6.00 -3.07
CA ILE A 136 -17.07 5.19 -2.35
C ILE A 136 -16.90 3.70 -2.64
N ASN A 137 -16.70 3.39 -3.91
CA ASN A 137 -16.70 2.00 -4.32
C ASN A 137 -15.49 1.24 -3.77
N PRO A 138 -14.29 1.83 -3.85
CA PRO A 138 -13.11 1.25 -3.18
C PRO A 138 -13.25 1.03 -1.67
N ILE A 139 -13.73 2.04 -0.95
CA ILE A 139 -14.02 1.89 0.47
C ILE A 139 -14.94 0.71 0.67
N PHE A 140 -15.97 0.63 -0.16
CA PHE A 140 -16.97 -0.38 0.06
C PHE A 140 -16.41 -1.76 -0.24
N GLU A 141 -15.61 -1.88 -1.30
CA GLU A 141 -15.03 -3.16 -1.66
C GLU A 141 -13.94 -3.60 -0.68
N PHE A 142 -13.21 -2.64 -0.12
CA PHE A 142 -12.26 -3.02 0.92
C PHE A 142 -12.99 -3.54 2.16
N SER A 143 -14.10 -2.88 2.49
CA SER A 143 -14.90 -3.29 3.64
C SER A 143 -15.42 -4.68 3.44
N ARG A 144 -15.73 -5.02 2.19
CA ARG A 144 -16.32 -6.32 1.88
C ARG A 144 -15.24 -7.42 2.03
N ALA A 145 -14.12 -7.21 1.37
CA ALA A 145 -13.05 -8.19 1.33
C ALA A 145 -12.46 -8.37 2.73
N MET A 146 -12.20 -7.25 3.41
CA MET A 146 -11.68 -7.26 4.77
C MET A 146 -12.60 -8.04 5.69
N ARG A 147 -13.90 -7.82 5.53
CA ARG A 147 -14.92 -8.47 6.34
C ARG A 147 -14.86 -9.97 6.20
N ARG A 148 -14.77 -10.45 4.96
CA ARG A 148 -14.63 -11.88 4.66
C ARG A 148 -13.48 -12.52 5.42
N LEU A 149 -12.43 -11.76 5.70
CA LEU A 149 -11.21 -12.31 6.27
C LEU A 149 -11.46 -12.70 7.73
N GLY A 150 -12.54 -12.16 8.30
CA GLY A 150 -13.02 -12.61 9.59
C GLY A 150 -12.07 -12.45 10.77
N LEU A 151 -11.40 -11.31 10.86
CA LEU A 151 -10.54 -11.01 12.01
C LEU A 151 -11.34 -10.93 13.29
N ASP A 152 -10.76 -11.42 14.38
CA ASP A 152 -11.36 -11.29 15.71
C ASP A 152 -10.67 -10.20 16.51
N ASP A 153 -11.12 -9.99 17.75
CA ASP A 153 -10.66 -8.86 18.54
C ASP A 153 -9.14 -8.81 18.64
N ALA A 154 -8.52 -9.90 19.04
CA ALA A 154 -7.06 -9.91 19.17
C ALA A 154 -6.44 -9.43 17.87
N GLU A 155 -7.01 -9.85 16.75
CA GLU A 155 -6.38 -9.65 15.47
C GLU A 155 -6.49 -8.22 14.97
N TYR A 156 -7.69 -7.64 15.02
CA TYR A 156 -7.85 -6.21 14.73
C TYR A 156 -6.91 -5.39 15.61
N ALA A 157 -6.88 -5.71 16.89
CA ALA A 157 -6.06 -4.95 17.83
C ALA A 157 -4.57 -5.02 17.45
N LEU A 158 -4.06 -6.22 17.24
CA LEU A 158 -2.67 -6.32 16.85
C LEU A 158 -2.42 -5.60 15.54
N LEU A 159 -3.33 -5.75 14.59
CA LEU A 159 -3.09 -5.22 13.25
C LEU A 159 -3.06 -3.70 13.28
N ILE A 160 -3.86 -3.09 14.13
CA ILE A 160 -3.86 -1.64 14.26
C ILE A 160 -2.57 -1.13 14.91
N ALA A 161 -2.13 -1.84 15.94
CA ALA A 161 -0.85 -1.51 16.55
C ALA A 161 0.23 -1.59 15.49
N ILE A 162 0.29 -2.72 14.78
CA ILE A 162 1.26 -2.93 13.70
C ILE A 162 1.24 -1.81 12.65
N ASN A 163 0.05 -1.38 12.27
CA ASN A 163 -0.09 -0.33 11.28
C ASN A 163 0.44 1.01 11.80
N ILE A 164 0.26 1.28 13.08
CA ILE A 164 0.65 2.57 13.64
C ILE A 164 2.15 2.68 13.64
N PHE A 165 2.81 1.60 14.05
CA PHE A 165 4.27 1.58 14.06
C PHE A 165 4.87 1.27 12.71
N SER A 166 4.36 1.92 11.66
CA SER A 166 4.94 1.79 10.34
C SER A 166 6.10 2.77 10.15
N ALA A 167 7.30 2.23 10.06
CA ALA A 167 8.50 3.05 9.99
C ALA A 167 8.51 3.97 8.75
N ASP A 168 7.95 3.51 7.64
CA ASP A 168 8.07 4.25 6.39
C ASP A 168 7.04 5.38 6.20
N ARG A 169 6.31 5.75 7.22
CA ARG A 169 5.40 6.88 7.11
C ARG A 169 6.17 8.14 6.72
N PRO A 170 5.49 9.13 6.12
CA PRO A 170 6.14 10.41 5.81
C PRO A 170 6.49 11.19 7.07
N ASN A 171 7.74 11.64 7.12
CA ASN A 171 8.24 12.56 8.14
C ASN A 171 8.68 11.91 9.44
N VAL A 172 8.66 10.59 9.49
CA VAL A 172 9.09 9.89 10.69
C VAL A 172 10.56 10.19 10.95
N GLN A 173 10.84 10.89 12.04
CA GLN A 173 12.19 11.34 12.34
C GLN A 173 13.07 10.20 12.84
N GLU A 174 12.47 9.24 13.53
CA GLU A 174 13.21 8.12 14.11
C GLU A 174 12.71 6.76 13.65
N PRO A 175 12.89 6.42 12.37
CA PRO A 175 12.33 5.18 11.82
C PRO A 175 12.78 3.95 12.60
N GLY A 176 14.04 3.99 13.04
CA GLY A 176 14.62 2.84 13.70
C GLY A 176 13.92 2.47 14.99
N ARG A 177 13.58 3.47 15.80
CA ARG A 177 12.78 3.24 16.98
C ARG A 177 11.43 2.68 16.57
N VAL A 178 10.82 3.28 15.55
CA VAL A 178 9.49 2.86 15.13
C VAL A 178 9.46 1.42 14.65
N GLU A 179 10.42 1.04 13.82
CA GLU A 179 10.46 -0.34 13.32
C GLU A 179 10.57 -1.31 14.49
N ALA A 180 11.35 -0.92 15.50
CA ALA A 180 11.64 -1.78 16.62
C ALA A 180 10.44 -1.92 17.58
N LEU A 181 9.60 -0.89 17.63
CA LEU A 181 8.40 -0.95 18.43
C LEU A 181 7.41 -1.92 17.82
N GLN A 182 7.41 -1.96 16.49
CA GLN A 182 6.46 -2.74 15.73
C GLN A 182 6.73 -4.22 15.90
N GLN A 183 7.98 -4.55 16.14
CA GLN A 183 8.44 -5.92 16.00
C GLN A 183 7.68 -6.87 16.92
N PRO A 184 7.73 -6.63 18.23
CA PRO A 184 7.06 -7.56 19.13
C PRO A 184 5.56 -7.67 18.79
N TYR A 185 5.03 -6.66 18.09
CA TYR A 185 3.64 -6.73 17.68
C TYR A 185 3.43 -7.65 16.49
N VAL A 186 4.31 -7.56 15.51
CA VAL A 186 4.29 -8.46 14.37
C VAL A 186 4.55 -9.88 14.87
N GLU A 187 5.43 -9.97 15.86
CA GLU A 187 5.76 -11.24 16.46
C GLU A 187 4.51 -11.86 17.09
N ALA A 188 3.76 -11.10 17.89
CA ALA A 188 2.62 -11.65 18.60
C ALA A 188 1.50 -12.07 17.65
N LEU A 189 1.24 -11.24 16.64
CA LEU A 189 0.25 -11.57 15.63
C LEU A 189 0.60 -12.87 14.93
N LEU A 190 1.89 -13.02 14.65
CA LEU A 190 2.42 -14.21 13.99
C LEU A 190 2.10 -15.45 14.81
N SER A 191 2.54 -15.47 16.06
CA SER A 191 2.22 -16.55 17.01
C SER A 191 0.72 -16.78 17.10
N TYR A 192 -0.03 -15.72 17.36
CA TYR A 192 -1.45 -15.88 17.65
C TYR A 192 -2.17 -16.59 16.51
N THR A 193 -1.84 -16.22 15.28
CA THR A 193 -2.50 -16.80 14.11
C THR A 193 -2.03 -18.24 13.90
N ARG A 194 -0.76 -18.49 14.23
CA ARG A 194 -0.22 -19.85 14.22
C ARG A 194 -1.02 -20.78 15.15
N ILE A 195 -1.45 -20.27 16.30
CA ILE A 195 -2.10 -21.11 17.30
C ILE A 195 -3.61 -21.21 17.16
N LYS A 196 -4.23 -20.17 16.62
CA LYS A 196 -5.69 -20.16 16.60
C LYS A 196 -6.23 -20.62 15.26
N ARG A 197 -5.34 -20.84 14.30
CA ARG A 197 -5.73 -21.33 12.99
C ARG A 197 -4.54 -22.00 12.33
N PRO A 198 -4.09 -23.12 12.91
CA PRO A 198 -2.80 -23.72 12.57
C PRO A 198 -2.66 -24.09 11.12
N GLN A 199 -3.74 -24.60 10.53
CA GLN A 199 -3.66 -25.17 9.19
C GLN A 199 -3.79 -24.11 8.09
N ASP A 200 -4.22 -22.91 8.48
CA ASP A 200 -4.25 -21.78 7.56
C ASP A 200 -2.92 -21.07 7.57
N GLN A 201 -1.91 -21.71 7.00
CA GLN A 201 -0.55 -21.20 7.00
C GLN A 201 -0.44 -19.86 6.29
N LEU A 202 -1.57 -19.33 5.82
CA LEU A 202 -1.55 -18.09 5.06
C LEU A 202 -2.20 -16.84 5.69
N ARG A 203 -2.81 -16.99 6.87
CA ARG A 203 -3.61 -15.91 7.46
C ARG A 203 -2.82 -14.68 7.85
N PHE A 204 -1.66 -14.87 8.47
CA PHE A 204 -0.79 -13.75 8.76
C PHE A 204 -0.43 -13.02 7.47
N PRO A 205 -0.07 -13.77 6.42
CA PRO A 205 0.11 -13.12 5.12
C PRO A 205 -1.12 -12.33 4.64
N ARG A 206 -2.27 -12.97 4.61
CA ARG A 206 -3.47 -12.30 4.15
C ARG A 206 -3.67 -11.03 4.96
N MET A 207 -3.32 -11.09 6.24
CA MET A 207 -3.49 -9.97 7.12
C MET A 207 -2.59 -8.80 6.68
N LEU A 208 -1.30 -9.07 6.47
CA LEU A 208 -0.36 -8.05 6.00
C LEU A 208 -0.76 -7.51 4.63
N MET A 209 -1.27 -8.39 3.77
CA MET A 209 -1.76 -7.96 2.46
C MET A 209 -2.77 -6.83 2.59
N LYS A 210 -3.46 -6.77 3.72
CA LYS A 210 -4.45 -5.72 3.92
C LYS A 210 -3.82 -4.35 4.15
N LEU A 211 -2.62 -4.34 4.72
CA LEU A 211 -1.90 -3.08 4.88
C LEU A 211 -1.54 -2.50 3.52
N VAL A 212 -1.19 -3.37 2.58
CA VAL A 212 -0.87 -2.95 1.21
C VAL A 212 -2.10 -2.30 0.57
N SER A 213 -3.26 -2.88 0.82
CA SER A 213 -4.50 -2.32 0.33
C SER A 213 -4.82 -0.97 0.97
N LEU A 214 -4.54 -0.86 2.26
CA LEU A 214 -4.82 0.37 3.00
C LEU A 214 -3.98 1.50 2.46
N ARG A 215 -2.72 1.20 2.18
CA ARG A 215 -1.78 2.20 1.73
C ARG A 215 -2.30 2.83 0.44
N THR A 216 -2.71 2.00 -0.52
CA THR A 216 -3.35 2.51 -1.73
C THR A 216 -4.64 3.28 -1.44
N LEU A 217 -5.43 2.78 -0.48
CA LEU A 217 -6.66 3.49 -0.09
C LEU A 217 -6.37 4.88 0.45
N SER A 218 -5.23 5.00 1.12
CA SER A 218 -4.79 6.25 1.72
C SER A 218 -4.72 7.30 0.61
N SER A 219 -4.15 6.88 -0.53
CA SER A 219 -3.95 7.78 -1.66
C SER A 219 -5.27 8.14 -2.33
N VAL A 220 -6.17 7.17 -2.44
CA VAL A 220 -7.53 7.45 -2.91
C VAL A 220 -8.15 8.50 -2.01
N HIS A 221 -8.02 8.32 -0.70
CA HIS A 221 -8.55 9.27 0.27
C HIS A 221 -7.97 10.67 0.05
N SER A 222 -6.67 10.74 -0.26
CA SER A 222 -6.09 12.03 -0.61
C SER A 222 -6.79 12.67 -1.81
N GLU A 223 -6.88 11.93 -2.92
CA GLU A 223 -7.67 12.37 -4.07
C GLU A 223 -8.95 13.04 -3.55
N GLN A 224 -9.77 12.30 -2.82
CA GLN A 224 -11.03 12.81 -2.33
C GLN A 224 -10.91 14.13 -1.56
N VAL A 225 -9.92 14.23 -0.67
CA VAL A 225 -9.82 15.40 0.18
C VAL A 225 -9.52 16.63 -0.66
N PHE A 226 -8.57 16.49 -1.57
CA PHE A 226 -8.15 17.56 -2.46
C PHE A 226 -9.26 17.92 -3.46
N ALA A 227 -10.08 16.93 -3.79
CA ALA A 227 -11.23 17.16 -4.65
C ALA A 227 -12.23 18.10 -3.99
N LEU A 228 -12.13 18.24 -2.67
CA LEU A 228 -13.13 19.01 -1.93
C LEU A 228 -12.93 20.50 -2.13
N ARG A 229 -11.68 20.92 -2.28
CA ARG A 229 -11.35 22.32 -2.35
C ARG A 229 -12.15 22.98 -3.48
N LEU A 230 -11.80 22.61 -4.70
CA LEU A 230 -12.47 23.13 -5.89
C LEU A 230 -13.99 23.06 -5.76
N GLN A 231 -14.48 22.32 -4.77
CA GLN A 231 -15.92 22.17 -4.60
C GLN A 231 -16.47 23.22 -3.63
N ASP A 232 -15.60 24.06 -3.09
CA ASP A 232 -16.00 25.10 -2.12
C ASP A 232 -16.61 24.45 -0.88
N LYS A 233 -15.84 23.56 -0.25
CA LYS A 233 -16.25 22.90 0.99
C LYS A 233 -15.04 22.70 1.87
N LYS A 234 -15.17 23.09 3.14
CA LYS A 234 -14.04 23.05 4.05
C LYS A 234 -14.16 21.91 5.07
N LEU A 235 -13.03 21.37 5.48
CA LEU A 235 -13.04 20.41 6.57
C LEU A 235 -12.92 21.13 7.91
N PRO A 236 -13.66 20.66 8.94
CA PRO A 236 -13.42 21.21 10.27
C PRO A 236 -11.93 21.10 10.64
N PRO A 237 -11.47 21.94 11.59
CA PRO A 237 -10.03 22.11 11.79
C PRO A 237 -9.26 20.83 12.13
N LEU A 238 -9.88 19.92 12.88
CA LEU A 238 -9.21 18.69 13.28
C LEU A 238 -8.90 17.81 12.08
N LEU A 239 -9.95 17.48 11.32
CA LEU A 239 -9.79 16.79 10.06
C LEU A 239 -8.81 17.57 9.20
N SER A 240 -9.11 18.85 9.00
CA SER A 240 -8.25 19.73 8.22
C SER A 240 -6.81 19.58 8.70
N GLU A 241 -6.63 19.54 10.02
CA GLU A 241 -5.31 19.50 10.64
C GLU A 241 -4.47 18.32 10.14
N ILE A 242 -5.08 17.13 10.09
CA ILE A 242 -4.35 15.91 9.69
C ILE A 242 -4.47 15.51 8.23
N TRP A 243 -5.35 16.16 7.47
CA TRP A 243 -5.53 15.75 6.09
C TRP A 243 -5.08 16.73 4.99
N ASP A 244 -5.20 18.04 5.23
CA ASP A 244 -4.83 19.02 4.22
C ASP A 244 -3.32 19.19 4.04
N ASP B 1 2.21 24.54 14.73
CA ASP B 1 1.64 23.56 13.75
C ASP B 1 0.90 22.43 14.46
N HIS B 2 -0.18 21.96 13.83
CA HIS B 2 -0.95 20.83 14.36
C HIS B 2 -1.33 21.04 15.81
N GLN B 3 -2.26 21.97 16.02
CA GLN B 3 -2.61 22.42 17.35
C GLN B 3 -3.56 21.43 18.03
N LEU B 4 -4.77 21.31 17.51
CA LEU B 4 -5.81 20.52 18.18
C LEU B 4 -5.37 19.07 18.40
N LEU B 5 -4.70 18.49 17.41
CA LEU B 5 -4.18 17.15 17.55
C LEU B 5 -3.23 17.12 18.73
N ARG B 6 -2.24 18.01 18.72
CA ARG B 6 -1.26 18.08 19.81
C ARG B 6 -1.94 18.17 21.17
N TYR B 7 -3.15 18.75 21.18
CA TYR B 7 -3.93 18.83 22.40
C TYR B 7 -4.35 17.43 22.82
N LEU B 8 -5.06 16.74 21.93
CA LEU B 8 -5.57 15.39 22.19
C LEU B 8 -4.48 14.44 22.69
N LEU B 9 -3.26 14.62 22.19
CA LEU B 9 -2.14 13.79 22.62
C LEU B 9 -1.77 14.04 24.07
N ASP B 10 -2.03 15.27 24.52
CA ASP B 10 -1.58 15.73 25.83
C ASP B 10 -2.65 15.62 26.91
N LYS B 11 -3.92 15.54 26.48
CA LYS B 11 -5.02 15.45 27.44
C LYS B 11 -4.78 14.31 28.43
N ASP B 12 -5.02 14.62 29.71
CA ASP B 12 -4.81 13.71 30.85
C ASP B 12 -3.43 13.88 31.51
N GLN C 5 13.84 -28.52 1.94
CA GLN C 5 12.49 -28.99 2.34
C GLN C 5 11.39 -28.30 1.51
N LEU C 6 11.80 -27.64 0.42
CA LEU C 6 10.85 -27.18 -0.59
C LEU C 6 10.38 -28.38 -1.39
N THR C 7 9.09 -28.43 -1.72
CA THR C 7 8.59 -29.58 -2.46
C THR C 7 9.25 -29.64 -3.83
N ALA C 8 9.07 -30.76 -4.52
CA ALA C 8 9.55 -30.92 -5.88
C ALA C 8 9.00 -29.80 -6.78
N ALA C 9 7.67 -29.69 -6.79
CA ALA C 9 6.98 -28.67 -7.57
C ALA C 9 7.62 -27.30 -7.35
N GLN C 10 7.52 -26.83 -6.11
CA GLN C 10 7.96 -25.49 -5.76
C GLN C 10 9.36 -25.17 -6.31
N GLU C 11 10.32 -26.07 -6.07
CA GLU C 11 11.71 -25.81 -6.45
C GLU C 11 11.85 -25.63 -7.96
N LEU C 12 11.15 -26.46 -8.71
CA LEU C 12 11.21 -26.40 -10.16
C LEU C 12 10.59 -25.10 -10.66
N MET C 13 9.43 -24.77 -10.12
CA MET C 13 8.72 -23.54 -10.46
C MET C 13 9.60 -22.30 -10.26
N ILE C 14 10.29 -22.24 -9.11
CA ILE C 14 11.19 -21.14 -8.84
C ILE C 14 12.31 -21.12 -9.84
N GLN C 15 12.84 -22.30 -10.15
CA GLN C 15 13.89 -22.43 -11.15
C GLN C 15 13.46 -21.85 -12.49
N GLN C 16 12.36 -22.37 -13.04
CA GLN C 16 11.81 -21.87 -14.30
C GLN C 16 11.49 -20.38 -14.23
N LEU C 17 11.08 -19.93 -13.05
CA LEU C 17 10.70 -18.54 -12.85
C LEU C 17 11.92 -17.64 -12.90
N VAL C 18 13.03 -18.09 -12.33
CA VAL C 18 14.28 -17.33 -12.39
C VAL C 18 14.92 -17.48 -13.78
N ALA C 19 14.68 -18.63 -14.40
CA ALA C 19 15.05 -18.82 -15.79
C ALA C 19 14.52 -17.63 -16.57
N ALA C 20 13.20 -17.58 -16.70
CA ALA C 20 12.52 -16.55 -17.48
C ALA C 20 12.89 -15.14 -17.01
N GLN C 21 13.21 -15.00 -15.72
CA GLN C 21 13.55 -13.70 -15.16
C GLN C 21 14.80 -13.10 -15.82
N LEU C 22 15.72 -13.96 -16.25
CA LEU C 22 16.91 -13.50 -16.96
C LEU C 22 16.71 -13.64 -18.47
N GLN C 23 16.06 -14.72 -18.87
CA GLN C 23 15.72 -14.92 -20.26
C GLN C 23 14.86 -13.77 -20.79
N CYS C 24 14.47 -12.86 -19.92
CA CYS C 24 13.68 -11.70 -20.32
C CYS C 24 14.42 -10.37 -20.11
N ASN C 25 15.36 -10.37 -19.18
CA ASN C 25 16.15 -9.17 -18.91
C ASN C 25 17.42 -9.13 -19.73
N LYS C 26 17.77 -10.26 -20.33
CA LYS C 26 18.87 -10.33 -21.29
C LYS C 26 18.43 -9.85 -22.68
N ARG C 27 17.21 -10.21 -23.06
CA ARG C 27 16.65 -9.82 -24.35
C ARG C 27 16.76 -8.31 -24.59
N PRO C 33 18.99 -3.26 -27.40
CA PRO C 33 18.14 -2.24 -28.02
C PRO C 33 18.69 -0.82 -27.93
N LYS C 34 18.45 -0.05 -29.00
CA LYS C 34 19.05 1.26 -29.16
C LYS C 34 18.08 2.35 -28.72
N VAL C 35 18.58 3.27 -27.90
CA VAL C 35 17.78 4.38 -27.42
C VAL C 35 18.50 5.67 -27.74
N THR C 36 17.77 6.77 -27.76
CA THR C 36 18.41 8.08 -27.95
C THR C 36 19.45 8.29 -26.85
N PRO C 37 20.67 8.67 -27.23
CA PRO C 37 21.85 8.77 -26.37
C PRO C 37 21.78 9.82 -25.25
N TRP C 38 22.55 9.58 -24.20
CA TRP C 38 22.59 10.44 -23.02
C TRP C 38 23.54 11.62 -23.28
N PRO C 39 23.04 12.85 -23.11
CA PRO C 39 23.76 14.10 -23.41
C PRO C 39 25.11 14.28 -22.70
N LEU C 40 26.07 14.86 -23.42
CA LEU C 40 27.35 15.27 -22.86
C LEU C 40 27.66 16.74 -23.18
N ASP C 48 18.46 22.82 -23.25
CA ASP C 48 17.59 22.06 -24.15
C ASP C 48 17.90 20.56 -24.14
N ALA C 49 19.17 20.21 -24.00
CA ALA C 49 19.57 18.81 -24.01
C ALA C 49 18.92 18.05 -22.86
N ARG C 50 18.25 18.79 -21.98
CA ARG C 50 17.43 18.18 -20.92
C ARG C 50 16.23 17.51 -21.60
N GLN C 51 15.74 18.14 -22.66
CA GLN C 51 14.70 17.56 -23.49
C GLN C 51 15.20 16.30 -24.17
N GLN C 52 16.52 16.13 -24.19
CA GLN C 52 17.12 14.94 -24.79
C GLN C 52 17.34 13.86 -23.74
N ARG C 53 17.25 14.26 -22.47
CA ARG C 53 17.39 13.32 -21.37
C ARG C 53 16.03 12.73 -21.04
N PHE C 54 15.02 13.59 -21.00
CA PHE C 54 13.63 13.17 -20.85
C PHE C 54 13.28 12.08 -21.86
N ALA C 55 13.70 12.29 -23.11
CA ALA C 55 13.53 11.28 -24.15
C ALA C 55 14.22 9.99 -23.72
N HIS C 56 15.42 10.14 -23.17
CA HIS C 56 16.26 8.99 -22.85
C HIS C 56 15.64 8.08 -21.80
N PHE C 57 15.10 8.67 -20.74
CA PHE C 57 14.53 7.89 -19.66
C PHE C 57 13.30 7.16 -20.17
N THR C 58 12.34 7.94 -20.66
CA THR C 58 11.09 7.39 -21.13
C THR C 58 11.32 6.16 -22.00
N GLU C 59 12.41 6.15 -22.74
CA GLU C 59 12.70 5.04 -23.63
C GLU C 59 13.23 3.83 -22.88
N LEU C 60 13.96 4.08 -21.79
CA LEU C 60 14.34 2.99 -20.88
C LEU C 60 13.07 2.48 -20.22
N ALA C 61 12.21 3.41 -19.78
CA ALA C 61 10.92 3.03 -19.23
C ALA C 61 10.22 2.06 -20.18
N ILE C 62 10.05 2.48 -21.43
CA ILE C 62 9.32 1.68 -22.41
C ILE C 62 9.94 0.31 -22.57
N ILE C 63 11.27 0.26 -22.63
CA ILE C 63 11.96 -1.02 -22.68
C ILE C 63 11.55 -1.94 -21.52
N SER C 64 11.51 -1.39 -20.32
CA SER C 64 11.15 -2.15 -19.12
C SER C 64 9.72 -2.71 -19.19
N VAL C 65 8.78 -1.90 -19.67
CA VAL C 65 7.41 -2.38 -19.81
C VAL C 65 7.42 -3.61 -20.71
N GLN C 66 8.21 -3.55 -21.76
CA GLN C 66 8.43 -4.66 -22.67
C GLN C 66 8.88 -5.91 -21.89
N GLU C 67 9.88 -5.72 -21.03
CA GLU C 67 10.43 -6.86 -20.29
C GLU C 67 9.41 -7.40 -19.31
N ILE C 68 8.73 -6.49 -18.62
CA ILE C 68 7.77 -6.86 -17.60
C ILE C 68 6.60 -7.64 -18.18
N VAL C 69 6.10 -7.21 -19.34
CA VAL C 69 4.99 -7.92 -19.96
C VAL C 69 5.44 -9.30 -20.35
N ASP C 70 6.61 -9.39 -20.97
CA ASP C 70 7.09 -10.69 -21.44
C ASP C 70 7.35 -11.62 -20.28
N PHE C 71 7.80 -11.05 -19.17
CA PHE C 71 7.94 -11.83 -17.96
C PHE C 71 6.59 -12.38 -17.51
N ALA C 72 5.63 -11.48 -17.34
CA ALA C 72 4.31 -11.88 -16.85
C ALA C 72 3.75 -13.03 -17.67
N LYS C 73 3.95 -12.99 -18.98
CA LYS C 73 3.35 -14.00 -19.85
C LYS C 73 3.92 -15.38 -19.55
N GLN C 74 5.10 -15.43 -18.94
CA GLN C 74 5.74 -16.71 -18.62
C GLN C 74 5.51 -17.17 -17.19
N VAL C 75 5.09 -16.25 -16.32
CA VAL C 75 4.63 -16.60 -14.99
C VAL C 75 3.40 -17.50 -15.08
N PRO C 76 3.51 -18.73 -14.53
CA PRO C 76 2.45 -19.74 -14.60
C PRO C 76 1.14 -19.25 -13.99
N GLY C 77 0.05 -19.36 -14.74
CA GLY C 77 -1.25 -18.93 -14.25
C GLY C 77 -1.75 -17.66 -14.95
N PHE C 78 -0.85 -16.70 -15.10
CA PHE C 78 -1.15 -15.40 -15.69
C PHE C 78 -2.08 -15.46 -16.91
N LEU C 79 -1.82 -16.40 -17.81
CA LEU C 79 -2.57 -16.46 -19.05
C LEU C 79 -3.89 -17.19 -18.90
N GLN C 80 -4.18 -17.64 -17.69
CA GLN C 80 -5.50 -18.17 -17.37
C GLN C 80 -6.46 -17.01 -17.06
N LEU C 81 -5.93 -15.87 -16.64
CA LEU C 81 -6.73 -14.67 -16.54
C LEU C 81 -7.25 -14.24 -17.92
N GLY C 82 -8.46 -13.66 -17.94
CA GLY C 82 -8.96 -13.04 -19.17
C GLY C 82 -8.12 -11.83 -19.55
N ARG C 83 -8.25 -11.37 -20.79
CA ARG C 83 -7.41 -10.28 -21.29
C ARG C 83 -7.51 -8.99 -20.45
N GLU C 84 -8.74 -8.60 -20.09
CA GLU C 84 -8.94 -7.35 -19.37
C GLU C 84 -8.23 -7.37 -18.04
N ASP C 85 -8.22 -8.51 -17.38
CA ASP C 85 -7.61 -8.55 -16.06
C ASP C 85 -6.10 -8.58 -16.16
N GLN C 86 -5.60 -9.16 -17.26
CA GLN C 86 -4.17 -9.14 -17.53
C GLN C 86 -3.76 -7.69 -17.70
N ILE C 87 -4.54 -6.94 -18.47
CA ILE C 87 -4.33 -5.50 -18.60
C ILE C 87 -4.33 -4.79 -17.26
N ALA C 88 -5.36 -5.07 -16.45
CA ALA C 88 -5.58 -4.36 -15.18
C ALA C 88 -4.42 -4.57 -14.22
N LEU C 89 -3.99 -5.82 -14.13
CA LEU C 89 -2.86 -6.16 -13.30
C LEU C 89 -1.56 -5.52 -13.80
N LEU C 90 -1.30 -5.60 -15.10
CA LEU C 90 -0.02 -5.09 -15.60
C LEU C 90 0.01 -3.57 -15.46
N LYS C 91 -1.15 -2.96 -15.69
CA LYS C 91 -1.25 -1.52 -15.58
C LYS C 91 -0.73 -1.01 -14.22
N ALA C 92 -1.04 -1.75 -13.16
CA ALA C 92 -0.78 -1.27 -11.82
C ALA C 92 0.54 -1.79 -11.31
N SER C 93 0.97 -2.93 -11.82
CA SER C 93 2.23 -3.54 -11.41
C SER C 93 3.44 -2.83 -12.02
N THR C 94 3.28 -2.39 -13.26
CA THR C 94 4.40 -1.94 -14.06
C THR C 94 5.31 -1.01 -13.29
N ILE C 95 4.81 0.12 -12.82
CA ILE C 95 5.67 1.02 -12.05
C ILE C 95 6.27 0.26 -10.87
N GLU C 96 5.47 -0.56 -10.22
CA GLU C 96 5.93 -1.23 -9.03
C GLU C 96 7.06 -2.18 -9.37
N ILE C 97 6.85 -3.05 -10.35
CA ILE C 97 7.90 -3.99 -10.74
C ILE C 97 9.16 -3.28 -11.24
N MET C 98 8.99 -2.13 -11.90
CA MET C 98 10.14 -1.33 -12.30
C MET C 98 10.97 -1.03 -11.05
N LEU C 99 10.38 -0.27 -10.12
CA LEU C 99 11.05 0.08 -8.89
C LEU C 99 11.76 -1.08 -8.21
N LEU C 100 11.15 -2.26 -8.20
CA LEU C 100 11.86 -3.45 -7.72
C LEU C 100 13.11 -3.68 -8.54
N GLU C 101 12.96 -3.72 -9.86
CA GLU C 101 14.12 -3.91 -10.75
C GLU C 101 15.16 -2.84 -10.53
N THR C 102 14.71 -1.65 -10.18
CA THR C 102 15.61 -0.53 -9.95
C THR C 102 16.40 -0.65 -8.65
N ALA C 103 15.85 -1.34 -7.66
CA ALA C 103 16.60 -1.54 -6.43
C ALA C 103 17.57 -2.68 -6.63
N ARG C 104 17.12 -3.70 -7.36
CA ARG C 104 17.94 -4.87 -7.60
C ARG C 104 19.17 -4.51 -8.43
N ARG C 105 19.14 -3.35 -9.06
CA ARG C 105 20.24 -2.89 -9.90
C ARG C 105 20.91 -1.68 -9.29
N TYR C 106 20.73 -1.50 -7.99
CA TYR C 106 21.35 -0.39 -7.27
C TYR C 106 22.74 -0.77 -6.79
N ASN C 107 23.73 0.06 -7.11
CA ASN C 107 25.09 -0.15 -6.60
C ASN C 107 25.38 0.89 -5.50
N HIS C 108 25.60 0.40 -4.29
CA HIS C 108 25.63 1.27 -3.13
C HIS C 108 26.97 1.97 -3.00
N GLU C 109 28.03 1.29 -3.40
CA GLU C 109 29.35 1.90 -3.46
C GLU C 109 29.32 3.12 -4.39
N THR C 110 28.73 2.97 -5.56
CA THR C 110 28.65 4.06 -6.53
C THR C 110 27.48 4.99 -6.25
N GLU C 111 26.47 4.50 -5.52
CA GLU C 111 25.22 5.22 -5.31
C GLU C 111 24.53 5.53 -6.64
N CYS C 112 24.53 4.54 -7.52
CA CYS C 112 23.97 4.67 -8.85
C CYS C 112 23.11 3.48 -9.21
N ILE C 113 22.06 3.74 -9.95
CA ILE C 113 21.26 2.68 -10.52
C ILE C 113 21.75 2.41 -11.92
N THR C 114 21.69 1.15 -12.35
CA THR C 114 22.25 0.78 -13.63
C THR C 114 21.23 -0.05 -14.40
N PHE C 115 20.97 0.33 -15.65
CA PHE C 115 19.72 -0.09 -16.28
C PHE C 115 19.81 -1.10 -17.40
N LEU C 116 20.84 -1.02 -18.22
CA LEU C 116 21.00 -2.03 -19.26
C LEU C 116 22.24 -2.88 -19.01
N LYS C 117 23.42 -2.28 -19.05
CA LYS C 117 24.62 -2.96 -18.58
C LYS C 117 25.73 -1.98 -18.23
N ASP C 118 25.65 -0.78 -18.76
CA ASP C 118 26.72 0.18 -18.58
C ASP C 118 26.18 1.55 -18.20
N PHE C 119 24.96 1.82 -18.63
CA PHE C 119 24.31 3.08 -18.28
C PHE C 119 24.27 3.19 -16.76
N THR C 120 24.83 4.26 -16.23
CA THR C 120 24.90 4.44 -14.77
C THR C 120 24.35 5.80 -14.34
N TYR C 121 23.36 5.79 -13.46
CA TYR C 121 22.68 7.02 -13.10
C TYR C 121 22.69 7.27 -11.59
N SER C 122 23.01 8.50 -11.23
CA SER C 122 23.05 8.90 -9.82
C SER C 122 21.85 9.76 -9.52
N LYS C 123 21.61 10.01 -8.24
CA LYS C 123 20.48 10.84 -7.82
C LYS C 123 20.49 12.19 -8.54
N ASP C 124 21.63 12.55 -9.10
CA ASP C 124 21.76 13.86 -9.72
C ASP C 124 21.30 13.83 -11.16
N ASP C 125 21.84 12.86 -11.92
CA ASP C 125 21.46 12.66 -13.31
C ASP C 125 19.94 12.78 -13.47
N PHE C 126 19.22 12.37 -12.43
CA PHE C 126 17.75 12.37 -12.43
C PHE C 126 17.14 13.76 -12.39
N HIS C 127 17.93 14.76 -11.99
CA HIS C 127 17.43 16.12 -11.93
C HIS C 127 17.48 16.76 -13.32
N ARG C 128 18.61 16.58 -14.00
CA ARG C 128 18.77 17.11 -15.35
C ARG C 128 17.80 16.40 -16.30
N ALA C 129 17.33 15.23 -15.89
CA ALA C 129 16.34 14.49 -16.65
C ALA C 129 14.98 15.17 -16.52
N GLY C 130 14.78 15.90 -15.42
CA GLY C 130 13.61 16.76 -15.30
C GLY C 130 12.59 16.29 -14.28
N LEU C 131 13.06 15.63 -13.22
CA LEU C 131 12.19 15.21 -12.13
C LEU C 131 12.46 16.04 -10.87
N GLN C 132 11.41 16.34 -10.12
CA GLN C 132 11.57 17.01 -8.83
C GLN C 132 11.99 16.01 -7.73
N VAL C 133 12.59 16.51 -6.66
CA VAL C 133 13.21 15.64 -5.65
C VAL C 133 12.21 14.77 -4.90
N GLU C 134 10.95 15.20 -4.89
CA GLU C 134 9.92 14.54 -4.11
C GLU C 134 9.70 13.09 -4.56
N PHE C 135 10.18 12.79 -5.78
CA PHE C 135 10.14 11.45 -6.33
C PHE C 135 11.54 10.86 -6.24
N ILE C 136 12.54 11.67 -6.57
CA ILE C 136 13.89 11.18 -6.78
C ILE C 136 14.51 10.55 -5.52
N ASN C 137 14.12 11.05 -4.34
CA ASN C 137 14.70 10.55 -3.12
C ASN C 137 14.04 9.26 -2.65
N PRO C 138 12.71 9.24 -2.54
CA PRO C 138 12.08 7.98 -2.09
C PRO C 138 12.48 6.80 -2.98
N ILE C 139 12.76 7.06 -4.25
CA ILE C 139 13.20 5.98 -5.14
C ILE C 139 14.49 5.39 -4.63
N PHE C 140 15.49 6.24 -4.42
CA PHE C 140 16.78 5.78 -3.94
C PHE C 140 16.71 5.22 -2.52
N GLU C 141 15.95 5.89 -1.65
CA GLU C 141 15.77 5.40 -0.30
C GLU C 141 15.35 3.94 -0.42
N PHE C 142 14.34 3.71 -1.25
CA PHE C 142 13.78 2.38 -1.42
C PHE C 142 14.84 1.38 -1.87
N SER C 143 15.70 1.81 -2.78
CA SER C 143 16.70 0.92 -3.33
C SER C 143 17.67 0.52 -2.22
N ARG C 144 17.82 1.41 -1.24
CA ARG C 144 18.71 1.12 -0.12
C ARG C 144 18.06 0.16 0.86
N ALA C 145 16.82 0.44 1.23
CA ALA C 145 16.12 -0.39 2.21
C ALA C 145 15.99 -1.85 1.75
N MET C 146 16.11 -2.06 0.44
CA MET C 146 16.03 -3.40 -0.12
C MET C 146 17.39 -4.06 -0.08
N ARG C 147 18.44 -3.24 -0.09
CA ARG C 147 19.81 -3.73 0.12
C ARG C 147 19.93 -4.32 1.52
N ARG C 148 19.36 -3.64 2.51
CA ARG C 148 19.40 -4.11 3.89
C ARG C 148 18.64 -5.43 4.07
N LEU C 149 17.79 -5.78 3.11
CA LEU C 149 17.06 -7.04 3.20
C LEU C 149 17.82 -8.14 2.48
N GLY C 150 18.70 -7.74 1.57
CA GLY C 150 19.52 -8.69 0.85
C GLY C 150 18.74 -9.87 0.28
N LEU C 151 18.13 -9.68 -0.87
CA LEU C 151 17.34 -10.76 -1.47
C LEU C 151 18.14 -11.43 -2.57
N ASP C 152 17.98 -12.74 -2.72
CA ASP C 152 18.56 -13.40 -3.87
C ASP C 152 17.57 -13.48 -5.01
N ASP C 153 18.02 -14.07 -6.11
CA ASP C 153 17.29 -13.97 -7.37
C ASP C 153 15.93 -14.63 -7.31
N ALA C 154 15.80 -15.70 -6.53
CA ALA C 154 14.53 -16.39 -6.42
C ALA C 154 13.52 -15.55 -5.63
N GLU C 155 14.04 -14.71 -4.74
CA GLU C 155 13.17 -13.96 -3.87
C GLU C 155 12.55 -12.81 -4.64
N TYR C 156 13.34 -12.09 -5.42
CA TYR C 156 12.76 -11.09 -6.32
C TYR C 156 11.71 -11.74 -7.22
N ALA C 157 12.08 -12.86 -7.84
CA ALA C 157 11.21 -13.50 -8.80
C ALA C 157 9.84 -13.83 -8.17
N LEU C 158 9.86 -14.38 -6.97
CA LEU C 158 8.64 -14.67 -6.25
C LEU C 158 7.91 -13.38 -5.86
N LEU C 159 8.66 -12.42 -5.33
CA LEU C 159 8.05 -11.18 -4.91
C LEU C 159 7.33 -10.53 -6.09
N ILE C 160 8.05 -10.38 -7.20
CA ILE C 160 7.44 -9.84 -8.42
C ILE C 160 6.20 -10.64 -8.81
N ALA C 161 6.27 -11.95 -8.69
CA ALA C 161 5.10 -12.77 -9.01
C ALA C 161 3.94 -12.38 -8.11
N ILE C 162 4.23 -12.19 -6.83
CA ILE C 162 3.18 -11.91 -5.86
C ILE C 162 2.57 -10.53 -6.12
N ASN C 163 3.41 -9.59 -6.53
CA ASN C 163 2.93 -8.24 -6.82
C ASN C 163 1.93 -8.27 -7.99
N ILE C 164 2.23 -9.04 -9.02
CA ILE C 164 1.38 -9.06 -10.21
C ILE C 164 -0.03 -9.53 -9.86
N PHE C 165 -0.10 -10.61 -9.08
CA PHE C 165 -1.38 -11.16 -8.68
C PHE C 165 -1.93 -10.44 -7.46
N SER C 166 -2.01 -9.12 -7.54
CA SER C 166 -2.69 -8.32 -6.52
C SER C 166 -4.16 -8.10 -6.84
N ALA C 167 -5.02 -8.88 -6.17
CA ALA C 167 -6.43 -8.91 -6.49
C ALA C 167 -7.17 -7.60 -6.24
N ASP C 168 -6.58 -6.71 -5.43
CA ASP C 168 -7.21 -5.43 -5.12
C ASP C 168 -6.91 -4.35 -6.15
N ARG C 169 -6.08 -4.68 -7.13
CA ARG C 169 -5.82 -3.76 -8.24
C ARG C 169 -7.17 -3.28 -8.78
N PRO C 170 -7.23 -2.00 -9.21
CA PRO C 170 -8.49 -1.51 -9.80
C PRO C 170 -8.99 -2.28 -11.03
N ASN C 171 -10.30 -2.39 -11.14
CA ASN C 171 -10.97 -2.95 -12.31
C ASN C 171 -10.79 -4.44 -12.52
N VAL C 172 -10.28 -5.14 -11.54
CA VAL C 172 -10.20 -6.58 -11.67
C VAL C 172 -11.58 -7.20 -11.68
N GLN C 173 -11.89 -7.97 -12.71
CA GLN C 173 -13.20 -8.63 -12.82
C GLN C 173 -13.24 -9.92 -12.00
N GLU C 174 -12.09 -10.55 -11.82
CA GLU C 174 -12.02 -11.84 -11.15
C GLU C 174 -11.06 -11.87 -9.97
N PRO C 175 -11.38 -11.12 -8.92
CA PRO C 175 -10.55 -11.01 -7.71
C PRO C 175 -10.21 -12.37 -7.15
N GLY C 176 -11.24 -13.23 -7.01
CA GLY C 176 -11.08 -14.53 -6.38
C GLY C 176 -10.07 -15.44 -7.07
N ARG C 177 -10.16 -15.51 -8.39
CA ARG C 177 -9.14 -16.15 -9.23
C ARG C 177 -7.76 -15.58 -9.01
N VAL C 178 -7.64 -14.25 -9.03
CA VAL C 178 -6.34 -13.63 -8.96
C VAL C 178 -5.72 -13.97 -7.61
N GLU C 179 -6.55 -14.04 -6.59
CA GLU C 179 -5.99 -14.32 -5.28
C GLU C 179 -5.54 -15.78 -5.23
N ALA C 180 -6.32 -16.67 -5.81
CA ALA C 180 -5.97 -18.08 -5.86
C ALA C 180 -4.64 -18.27 -6.57
N LEU C 181 -4.39 -17.47 -7.59
CA LEU C 181 -3.12 -17.61 -8.29
C LEU C 181 -1.97 -17.08 -7.44
N GLN C 182 -2.22 -16.06 -6.65
CA GLN C 182 -1.14 -15.47 -5.86
C GLN C 182 -0.69 -16.45 -4.76
N GLN C 183 -1.60 -17.34 -4.39
CA GLN C 183 -1.44 -18.11 -3.16
C GLN C 183 -0.18 -18.97 -3.19
N PRO C 184 -0.03 -19.81 -4.22
CA PRO C 184 1.13 -20.69 -4.24
C PRO C 184 2.46 -19.95 -4.26
N TYR C 185 2.46 -18.74 -4.82
CA TYR C 185 3.66 -17.91 -4.83
C TYR C 185 4.03 -17.39 -3.44
N VAL C 186 3.02 -17.16 -2.61
CA VAL C 186 3.28 -16.71 -1.26
C VAL C 186 3.68 -17.88 -0.37
N GLU C 187 3.07 -19.04 -0.59
CA GLU C 187 3.54 -20.27 0.02
C GLU C 187 5.02 -20.47 -0.30
N ALA C 188 5.37 -20.45 -1.58
CA ALA C 188 6.75 -20.69 -1.98
C ALA C 188 7.72 -19.70 -1.34
N LEU C 189 7.43 -18.41 -1.42
CA LEU C 189 8.36 -17.45 -0.83
C LEU C 189 8.47 -17.67 0.68
N LEU C 190 7.38 -18.14 1.28
CA LEU C 190 7.35 -18.35 2.72
C LEU C 190 8.33 -19.46 3.11
N SER C 191 8.19 -20.63 2.48
CA SER C 191 9.11 -21.73 2.70
C SER C 191 10.51 -21.25 2.42
N TYR C 192 10.75 -20.81 1.19
CA TYR C 192 12.10 -20.51 0.77
C TYR C 192 12.85 -19.60 1.76
N THR C 193 12.13 -18.74 2.45
CA THR C 193 12.78 -17.89 3.46
C THR C 193 12.96 -18.66 4.76
N ARG C 194 11.94 -19.41 5.14
CA ARG C 194 12.00 -20.22 6.34
C ARG C 194 13.24 -21.11 6.25
N ILE C 195 13.45 -21.69 5.08
CA ILE C 195 14.60 -22.54 4.83
C ILE C 195 15.88 -21.73 4.71
N LYS C 196 15.98 -20.96 3.63
CA LYS C 196 17.19 -20.19 3.36
C LYS C 196 17.77 -19.46 4.58
N ARG C 197 16.94 -19.13 5.57
CA ARG C 197 17.43 -18.35 6.72
C ARG C 197 16.59 -18.52 7.99
N PRO C 198 16.72 -19.69 8.66
CA PRO C 198 15.73 -20.26 9.58
C PRO C 198 15.44 -19.50 10.85
N GLN C 199 16.41 -18.72 11.34
CA GLN C 199 16.27 -18.07 12.64
C GLN C 199 15.63 -16.69 12.53
N ASP C 200 15.69 -16.12 11.34
CA ASP C 200 15.05 -14.84 11.08
C ASP C 200 13.62 -15.05 10.61
N GLN C 201 12.70 -15.14 11.56
CA GLN C 201 11.30 -15.39 11.25
C GLN C 201 10.67 -14.12 10.68
N LEU C 202 11.33 -12.98 10.91
CA LEU C 202 10.79 -11.68 10.55
C LEU C 202 11.07 -11.27 9.12
N ARG C 203 11.96 -12.00 8.45
CA ARG C 203 12.37 -11.67 7.10
C ARG C 203 11.15 -11.63 6.17
N PHE C 204 10.41 -12.73 6.12
CA PHE C 204 9.21 -12.83 5.30
C PHE C 204 8.28 -11.63 5.51
N PRO C 205 7.85 -11.39 6.76
CA PRO C 205 6.98 -10.24 7.02
C PRO C 205 7.59 -8.95 6.50
N ARG C 206 8.89 -8.81 6.67
CA ARG C 206 9.58 -7.58 6.31
C ARG C 206 9.61 -7.43 4.79
N MET C 207 9.58 -8.55 4.09
CA MET C 207 9.51 -8.55 2.64
C MET C 207 8.12 -8.15 2.12
N LEU C 208 7.08 -8.76 2.67
CA LEU C 208 5.73 -8.37 2.29
C LEU C 208 5.55 -6.87 2.55
N MET C 209 6.20 -6.36 3.57
CA MET C 209 6.00 -4.98 3.91
C MET C 209 6.58 -4.06 2.85
N LYS C 210 7.46 -4.60 2.03
CA LYS C 210 7.97 -3.85 0.88
C LYS C 210 6.88 -3.63 -0.19
N LEU C 211 5.95 -4.58 -0.29
CA LEU C 211 4.75 -4.39 -1.10
C LEU C 211 3.91 -3.19 -0.66
N VAL C 212 3.86 -2.94 0.65
CA VAL C 212 3.14 -1.76 1.15
C VAL C 212 3.87 -0.49 0.71
N SER C 213 5.18 -0.51 0.87
CA SER C 213 6.01 0.61 0.40
C SER C 213 5.82 0.92 -1.09
N LEU C 214 5.80 -0.12 -1.92
CA LEU C 214 5.62 0.07 -3.35
C LEU C 214 4.36 0.84 -3.71
N ARG C 215 3.26 0.56 -3.02
CA ARG C 215 2.00 1.24 -3.30
C ARG C 215 2.12 2.74 -3.08
N THR C 216 2.87 3.11 -2.06
CA THR C 216 3.19 4.51 -1.79
C THR C 216 4.05 5.08 -2.89
N LEU C 217 5.16 4.40 -3.19
CA LEU C 217 6.01 4.80 -4.31
C LEU C 217 5.23 4.90 -5.61
N SER C 218 4.15 4.13 -5.72
CA SER C 218 3.27 4.21 -6.87
C SER C 218 2.59 5.56 -6.93
N SER C 219 2.07 6.01 -5.80
CA SER C 219 1.41 7.31 -5.72
C SER C 219 2.40 8.43 -6.00
N VAL C 220 3.55 8.37 -5.33
CA VAL C 220 4.59 9.34 -5.57
C VAL C 220 4.79 9.50 -7.08
N HIS C 221 4.77 8.36 -7.78
CA HIS C 221 5.01 8.32 -9.24
C HIS C 221 3.85 8.92 -10.04
N SER C 222 2.62 8.73 -9.57
CA SER C 222 1.47 9.41 -10.14
C SER C 222 1.65 10.90 -9.98
N GLU C 223 2.02 11.31 -8.77
CA GLU C 223 2.19 12.72 -8.46
C GLU C 223 3.28 13.32 -9.34
N GLN C 224 4.37 12.61 -9.51
CA GLN C 224 5.43 13.07 -10.41
C GLN C 224 4.89 13.28 -11.82
N VAL C 225 4.08 12.35 -12.30
CA VAL C 225 3.61 12.39 -13.68
C VAL C 225 2.68 13.56 -13.93
N PHE C 226 1.65 13.69 -13.10
CA PHE C 226 0.72 14.81 -13.18
C PHE C 226 1.45 16.15 -13.18
N ALA C 227 2.56 16.22 -12.47
CA ALA C 227 3.40 17.41 -12.46
C ALA C 227 3.90 17.77 -13.85
N LEU C 228 4.16 16.77 -14.68
CA LEU C 228 4.65 17.02 -16.03
C LEU C 228 3.61 17.74 -16.88
N ARG C 229 2.34 17.40 -16.65
CA ARG C 229 1.21 18.04 -17.35
C ARG C 229 1.41 19.55 -17.33
N LEU C 230 2.03 20.04 -16.26
CA LEU C 230 2.15 21.48 -16.00
C LEU C 230 3.53 21.99 -16.42
N GLN C 231 4.55 21.17 -16.22
CA GLN C 231 5.92 21.55 -16.55
C GLN C 231 6.09 21.56 -18.07
N ASP C 232 4.97 21.43 -18.78
CA ASP C 232 4.98 21.17 -20.22
C ASP C 232 5.97 20.04 -20.55
N LYS C 233 5.44 18.84 -20.65
CA LYS C 233 6.24 17.65 -20.98
C LYS C 233 5.25 16.50 -21.17
N LYS C 234 5.22 15.94 -22.37
CA LYS C 234 4.31 14.85 -22.68
C LYS C 234 5.07 13.52 -22.72
N LEU C 235 4.46 12.47 -22.18
CA LEU C 235 5.04 11.14 -22.27
C LEU C 235 4.77 10.58 -23.66
N PRO C 236 5.63 9.68 -24.17
CA PRO C 236 5.30 9.02 -25.43
C PRO C 236 3.90 8.43 -25.33
N PRO C 237 3.19 8.28 -26.46
CA PRO C 237 1.77 7.94 -26.34
C PRO C 237 1.55 6.58 -25.67
N LEU C 238 2.50 5.68 -25.85
CA LEU C 238 2.39 4.35 -25.28
C LEU C 238 2.63 4.28 -23.76
N LEU C 239 3.43 5.19 -23.22
CA LEU C 239 3.58 5.30 -21.75
C LEU C 239 2.41 6.07 -21.14
N SER C 240 2.01 7.14 -21.83
CA SER C 240 0.84 7.91 -21.44
C SER C 240 -0.37 6.98 -21.34
N GLU C 241 -0.42 6.00 -22.22
CA GLU C 241 -1.47 4.99 -22.21
C GLU C 241 -1.61 4.45 -20.79
N ILE C 242 -0.46 4.16 -20.19
CA ILE C 242 -0.42 3.47 -18.92
C ILE C 242 -0.53 4.35 -17.68
N TRP C 243 0.01 5.56 -17.74
CA TRP C 243 0.20 6.39 -16.55
C TRP C 243 -0.63 7.67 -16.39
N ASP C 244 -1.26 8.15 -17.45
CA ASP C 244 -2.08 9.36 -17.36
C ASP C 244 -3.51 9.08 -16.91
N VAL C 245 -4.14 10.09 -16.32
CA VAL C 245 -5.55 10.03 -15.91
C VAL C 245 -6.48 10.81 -16.87
N ASP D 1 -8.02 0.87 -26.20
CA ASP D 1 -7.28 1.44 -25.04
C ASP D 1 -6.18 0.50 -24.54
N HIS D 2 -5.17 1.10 -23.91
CA HIS D 2 -4.05 0.33 -23.39
C HIS D 2 -3.40 -0.48 -24.49
N GLN D 3 -2.95 0.19 -25.55
CA GLN D 3 -2.52 -0.56 -26.73
C GLN D 3 -1.09 -1.03 -26.63
N LEU D 4 -0.28 -0.34 -25.85
CA LEU D 4 1.09 -0.79 -25.65
C LEU D 4 0.96 -2.17 -25.02
N LEU D 5 0.05 -2.27 -24.05
CA LEU D 5 -0.15 -3.50 -23.30
C LEU D 5 -0.84 -4.53 -24.15
N ARG D 6 -1.89 -4.13 -24.83
CA ARG D 6 -2.59 -5.08 -25.64
C ARG D 6 -1.66 -5.67 -26.70
N TYR D 7 -0.86 -4.82 -27.34
CA TYR D 7 -0.01 -5.27 -28.44
C TYR D 7 1.11 -6.15 -27.89
N LEU D 8 1.76 -5.69 -26.83
CA LEU D 8 2.83 -6.48 -26.22
C LEU D 8 2.32 -7.85 -25.82
N LEU D 9 1.02 -7.95 -25.58
CA LEU D 9 0.41 -9.21 -25.15
C LEU D 9 0.13 -10.12 -26.33
N ASP D 10 -0.48 -9.57 -27.38
CA ASP D 10 -0.80 -10.33 -28.59
C ASP D 10 0.47 -10.76 -29.36
N LYS D 11 1.54 -10.00 -29.18
CA LYS D 11 2.78 -10.21 -29.92
C LYS D 11 3.30 -11.65 -29.82
N ASP D 12 3.72 -12.19 -30.95
CA ASP D 12 4.32 -13.53 -31.03
C ASP D 12 3.29 -14.61 -30.77
C1 0KT E . -15.01 8.56 5.78
C2 0KT E . -13.68 8.93 6.18
C3 0KT E . -15.70 9.44 4.94
C4 0KT E . -13.10 10.13 5.76
C5 0KT E . -15.13 10.64 4.53
C6 0KT E . -13.82 11.00 4.92
N1 0KT E . -13.22 12.24 4.58
S2 0KT E . -14.07 13.77 5.02
O4 0KT E . -13.17 14.81 4.58
O5 0KT E . -14.30 13.66 6.45
C8 0KT E . -15.62 14.03 4.19
C9 0KT E . -16.82 13.49 4.72
C10 0KT E . -15.65 14.79 2.99
C11 0KT E . -16.87 15.02 2.33
C12 0KT E . -18.04 13.71 4.05
C13 0KT E . -18.07 14.47 2.85
C7 0KT E . -12.88 12.10 3.14
C18 0KT E . -15.66 7.28 6.25
C19 0KT E . -15.67 7.26 7.80
C20 0KT E . -14.94 6.02 5.62
F7 0KT E . -15.53 4.90 6.02
F9 0KT E . -13.67 5.94 5.99
F8 0KT E . -14.98 6.10 4.30
O1 0KT E . -17.00 7.18 5.75
C14 0KT E . -14.99 6.37 8.67
N2 0KT E . -16.36 8.16 8.59
C16 0KT E . -16.12 7.84 9.90
C17 0KT E . -15.27 6.74 9.97
C15 0KT E . -17.23 9.30 8.21
C21 0KT E . -18.71 8.99 8.42
O2 0KT E . -19.09 7.74 7.86
C23 0KT E . -20.48 7.66 7.61
C ACT F . -22.78 -7.71 -4.83
O ACT F . -23.48 -7.10 -5.65
OXT ACT F . -21.80 -7.21 -4.28
CH3 ACT F . -23.14 -9.16 -4.50
CA CA G . -10.50 2.05 17.19
CA CA H . -30.28 4.54 4.28
CA CA I . -22.72 -4.32 -4.73
CA CA J . -25.88 -0.60 -1.89
C1 0KT K . 11.70 5.72 -13.72
C2 0KT K . 10.34 5.29 -13.79
C3 0KT K . 11.99 7.05 -14.10
C4 0KT K . 9.33 6.15 -14.24
C5 0KT K . 10.97 7.93 -14.55
C6 0KT K . 9.63 7.47 -14.61
N1 0KT K . 8.55 8.28 -15.08
S2 0KT K . 8.61 9.12 -16.63
O4 0KT K . 7.31 9.74 -16.74
O5 0KT K . 8.95 8.10 -17.61
C8 0KT K . 9.79 10.46 -16.72
C9 0KT K . 11.05 10.26 -17.32
C10 0KT K . 9.44 11.72 -16.17
C11 0KT K . 10.35 12.79 -16.23
C12 0KT K . 11.97 11.34 -17.38
C13 0KT K . 11.63 12.60 -16.83
C7 0KT K . 8.23 9.16 -13.93
C18 0KT K . 12.82 4.78 -13.26
C19 0KT K . 12.85 3.55 -14.20
C20 0KT K . 12.61 4.41 -11.70
F7 0KT K . 13.58 3.61 -11.27
F9 0KT K . 11.46 3.77 -11.46
F8 0KT K . 12.59 5.49 -10.94
O1 0KT K . 14.07 5.44 -13.32
C14 0KT K . 12.59 2.19 -13.89
N2 0KT K . 13.14 3.60 -15.55
C16 0KT K . 13.07 2.32 -16.04
C17 0KT K . 12.73 1.44 -15.04
C15 0KT K . 13.49 4.75 -16.42
C21 0KT K . 15.01 4.84 -16.64
O2 0KT K . 15.71 5.21 -15.48
C23 0KT K . 16.86 5.98 -15.76
CA CA L . 11.58 -8.26 -14.93
CA CA M . 27.28 7.73 -15.93
#